data_2W5N
#
_entry.id   2W5N
#
_cell.length_a   48.340
_cell.length_b   90.490
_cell.length_c   92.500
_cell.angle_alpha   90.00
_cell.angle_beta   90.00
_cell.angle_gamma   90.00
#
_symmetry.space_group_name_H-M   'P 21 21 21'
#
loop_
_entity.id
_entity.type
_entity.pdbx_description
1 polymer ALPHA-L-ARABINOFURANOSIDASE
2 non-polymer 1,2-ETHANEDIOL
3 non-polymer 'TRIETHYLENE GLYCOL'
4 non-polymer GLYCEROL
5 water water
#
_entity_poly.entity_id   1
_entity_poly.type   'polypeptide(L)'
_entity_poly.pdbx_seq_one_letter_code
;AMKPAQKGKTFSNVEIFDPPTNYRDPQVLYARPLELSDGTLLGTWENYSPEPPNVWFPIVKSKDGGKTWKEISKVKDTQN
NWGLRYQPQLYELPRAFGKYPKGTVLCSGSSIPSDLSETLIEVYASRDKGYTWEFVSHVALGGEALPNPGLTPVWEPFLM
TYKEKLILYYSDQRDNATHSQKLVHQTTTDLKKWSKVVDDTKYADYYARPGMPTVAKLPNNEYIYVYEYGGGPNPPAGSD
YWFPVYYRLSKDPQKFLNKAHHQIVSNDGTTPAGSPYVVWTPYGGKNGTIVVSCGTRSEIFTNQALGDASAWKKWDVPQP
TAYTRSLLTFQKDPDLLMIMGAGILPPAGGKNTVSASVVRLSEVMKS
;
_entity_poly.pdbx_strand_id   A
#
loop_
_chem_comp.id
_chem_comp.type
_chem_comp.name
_chem_comp.formula
EDO non-polymer 1,2-ETHANEDIOL 'C2 H6 O2'
GOL non-polymer GLYCEROL 'C3 H8 O3'
PGE non-polymer 'TRIETHYLENE GLYCOL' 'C6 H14 O4'
#
# COMPACT_ATOMS: atom_id res chain seq x y z
N ALA A 1 -28.69 -32.76 15.06
CA ALA A 1 -27.27 -32.52 14.68
C ALA A 1 -27.08 -31.05 14.46
N MET A 2 -25.91 -30.59 14.85
CA MET A 2 -25.54 -29.18 14.71
C MET A 2 -24.20 -29.08 13.96
N LYS A 3 -23.84 -27.88 13.57
N LYS A 3 -23.83 -27.87 13.58
CA LYS A 3 -22.58 -27.73 12.83
CA LYS A 3 -22.56 -27.68 12.89
C LYS A 3 -21.39 -28.28 13.63
C LYS A 3 -21.38 -28.28 13.65
N PRO A 4 -20.44 -28.95 12.96
CA PRO A 4 -19.26 -29.41 13.66
C PRO A 4 -18.25 -28.27 13.76
N ALA A 5 -17.12 -28.59 14.36
CA ALA A 5 -16.01 -27.63 14.49
C ALA A 5 -15.62 -27.10 13.10
N GLY A 8 -10.96 -23.13 10.47
CA GLY A 8 -10.99 -21.98 11.36
C GLY A 8 -10.63 -20.69 10.65
N LYS A 9 -9.35 -20.34 10.76
CA LYS A 9 -8.89 -18.95 10.70
C LYS A 9 -8.56 -18.52 9.30
N THR A 10 -8.35 -19.53 8.48
CA THR A 10 -8.01 -19.29 7.08
C THR A 10 -9.28 -19.30 6.22
N PHE A 11 -9.22 -18.52 5.16
CA PHE A 11 -10.29 -18.51 4.15
C PHE A 11 -9.79 -17.92 2.85
N SER A 12 -10.59 -18.19 1.82
CA SER A 12 -10.24 -17.84 0.44
C SER A 12 -11.33 -17.04 -0.24
N ASN A 13 -10.92 -15.91 -0.81
CA ASN A 13 -11.73 -15.15 -1.76
C ASN A 13 -13.01 -14.71 -1.15
N VAL A 14 -12.88 -14.27 0.07
CA VAL A 14 -14.01 -13.61 0.73
C VAL A 14 -14.30 -12.22 0.14
N GLU A 15 -15.51 -12.04 -0.36
CA GLU A 15 -15.89 -10.75 -0.99
C GLU A 15 -16.19 -9.70 0.06
N ILE A 16 -15.68 -8.52 -0.25
CA ILE A 16 -15.81 -7.36 0.67
C ILE A 16 -16.78 -6.31 0.11
N PHE A 17 -16.70 -6.11 -1.18
CA PHE A 17 -17.53 -5.12 -1.93
C PHE A 17 -17.58 -5.39 -3.40
N ASP A 18 -18.80 -5.30 -3.90
CA ASP A 18 -19.14 -5.63 -5.31
C ASP A 18 -19.83 -4.37 -5.87
N PRO A 19 -19.12 -3.58 -6.66
CA PRO A 19 -19.50 -2.22 -6.87
C PRO A 19 -20.65 -2.08 -7.86
N PRO A 20 -21.54 -1.10 -7.63
CA PRO A 20 -22.68 -0.94 -8.55
C PRO A 20 -22.30 -0.89 -10.02
N THR A 21 -23.21 -1.33 -10.87
CA THR A 21 -22.92 -1.36 -12.32
C THR A 21 -22.52 0.01 -12.87
N ASN A 22 -23.12 1.04 -12.28
CA ASN A 22 -22.92 2.43 -12.74
C ASN A 22 -21.69 3.13 -12.16
N TYR A 23 -20.87 2.37 -11.44
CA TYR A 23 -19.53 2.91 -11.05
C TYR A 23 -18.67 3.04 -12.31
N ARG A 24 -17.71 3.96 -12.24
CA ARG A 24 -16.85 4.27 -13.40
C ARG A 24 -15.61 3.41 -13.44
N ASP A 25 -15.30 2.93 -14.63
CA ASP A 25 -14.14 2.05 -14.86
C ASP A 25 -12.95 2.70 -14.10
N PRO A 26 -12.26 1.96 -13.22
CA PRO A 26 -12.42 0.55 -12.98
C PRO A 26 -13.34 0.15 -11.85
N GLN A 27 -14.06 1.13 -11.34
CA GLN A 27 -15.11 0.89 -10.32
C GLN A 27 -14.55 0.84 -8.92
N VAL A 28 -13.63 -0.06 -8.72
CA VAL A 28 -12.84 -0.09 -7.47
C VAL A 28 -11.43 -0.46 -7.84
N LEU A 29 -10.52 -0.12 -6.96
CA LEU A 29 -9.11 -0.41 -7.13
C LEU A 29 -8.37 -0.06 -5.82
N TYR A 30 -7.19 -0.60 -5.65
CA TYR A 30 -6.23 -0.09 -4.63
C TYR A 30 -6.71 -0.37 -3.23
N ALA A 31 -6.87 -1.64 -2.95
CA ALA A 31 -7.35 -2.10 -1.64
C ALA A 31 -6.28 -1.97 -0.58
N ARG A 32 -6.64 -1.47 0.57
CA ARG A 32 -5.73 -1.44 1.75
C ARG A 32 -6.39 -1.91 3.03
N PRO A 33 -5.69 -2.77 3.80
CA PRO A 33 -6.16 -3.21 5.11
C PRO A 33 -5.37 -2.63 6.28
N LEU A 34 -5.99 -2.71 7.43
CA LEU A 34 -5.37 -2.33 8.70
C LEU A 34 -5.94 -3.10 9.89
N GLU A 35 -5.01 -3.58 10.69
CA GLU A 35 -5.34 -4.18 11.97
C GLU A 35 -5.08 -3.19 13.09
N LEU A 36 -6.10 -3.02 13.89
CA LEU A 36 -6.00 -2.19 15.10
C LEU A 36 -5.53 -3.01 16.28
N SER A 37 -5.15 -2.32 17.35
CA SER A 37 -4.54 -3.01 18.49
C SER A 37 -5.52 -3.93 19.22
N ASP A 38 -6.79 -3.73 18.96
CA ASP A 38 -7.86 -4.50 19.63
C ASP A 38 -8.33 -5.65 18.72
N GLY A 39 -7.62 -5.78 17.63
CA GLY A 39 -7.80 -6.93 16.75
C GLY A 39 -8.79 -6.74 15.64
N THR A 40 -9.46 -5.61 15.70
N THR A 40 -9.44 -5.58 15.71
CA THR A 40 -10.39 -5.22 14.62
CA THR A 40 -10.35 -5.10 14.64
C THR A 40 -9.59 -4.90 13.36
C THR A 40 -9.57 -4.90 13.35
N LEU A 41 -10.19 -5.25 12.24
CA LEU A 41 -9.60 -4.95 10.92
C LEU A 41 -10.43 -3.88 10.23
N LEU A 42 -9.73 -2.90 9.63
CA LEU A 42 -10.36 -1.95 8.72
C LEU A 42 -9.84 -2.13 7.32
N GLY A 43 -10.66 -1.73 6.37
CA GLY A 43 -10.29 -1.82 4.94
C GLY A 43 -10.85 -0.65 4.15
N THR A 44 -10.11 -0.26 3.13
CA THR A 44 -10.57 0.82 2.21
C THR A 44 -10.06 0.57 0.81
N TRP A 45 -10.50 1.41 -0.11
CA TRP A 45 -10.16 1.30 -1.52
C TRP A 45 -10.57 2.56 -2.30
N GLU A 46 -10.10 2.62 -3.53
CA GLU A 46 -10.55 3.66 -4.47
C GLU A 46 -11.96 3.31 -4.95
N ASN A 47 -12.87 4.23 -4.67
CA ASN A 47 -14.32 4.03 -4.92
C ASN A 47 -14.81 4.98 -6.00
N TYR A 48 -14.86 4.48 -7.22
CA TYR A 48 -15.17 5.27 -8.45
C TYR A 48 -16.67 5.48 -8.68
N SER A 49 -17.28 6.13 -7.70
CA SER A 49 -18.71 6.33 -7.71
C SER A 49 -19.07 7.47 -8.67
N PRO A 50 -20.31 7.43 -9.18
CA PRO A 50 -20.75 8.58 -9.99
C PRO A 50 -20.98 9.79 -9.12
N GLU A 51 -20.42 10.91 -9.55
CA GLU A 51 -20.39 12.13 -8.74
C GLU A 51 -21.40 13.17 -9.25
N PRO A 52 -21.94 14.00 -8.36
CA PRO A 52 -21.75 14.01 -6.91
C PRO A 52 -22.61 12.98 -6.24
N PRO A 53 -22.32 12.74 -4.96
CA PRO A 53 -21.33 13.45 -4.17
C PRO A 53 -19.91 13.17 -4.58
N ASN A 54 -19.05 14.07 -4.16
CA ASN A 54 -17.61 13.93 -4.38
C ASN A 54 -17.18 12.56 -3.86
N VAL A 55 -16.31 11.88 -4.59
CA VAL A 55 -15.78 10.57 -4.16
C VAL A 55 -15.12 10.58 -2.77
N TRP A 56 -15.30 9.44 -2.11
CA TRP A 56 -14.90 9.21 -0.71
C TRP A 56 -14.16 7.88 -0.62
N PHE A 57 -13.46 7.71 0.47
CA PHE A 57 -12.84 6.40 0.81
C PHE A 57 -13.76 5.65 1.79
N PRO A 58 -14.35 4.54 1.37
CA PRO A 58 -15.19 3.83 2.35
C PRO A 58 -14.33 3.15 3.39
N ILE A 59 -14.86 3.06 4.59
CA ILE A 59 -14.22 2.28 5.63
C ILE A 59 -15.10 1.10 6.04
N VAL A 60 -14.59 -0.09 5.78
CA VAL A 60 -15.25 -1.31 6.26
C VAL A 60 -14.49 -1.85 7.47
N LYS A 61 -15.20 -2.66 8.21
CA LYS A 61 -14.73 -3.21 9.50
C LYS A 61 -15.12 -4.66 9.63
N SER A 62 -14.14 -5.43 10.08
CA SER A 62 -14.30 -6.83 10.42
C SER A 62 -13.87 -7.09 11.83
N LYS A 63 -14.76 -7.79 12.51
CA LYS A 63 -14.54 -8.25 13.89
C LYS A 63 -14.12 -9.70 13.98
N ASP A 64 -14.11 -10.40 12.86
CA ASP A 64 -13.84 -11.87 12.88
C ASP A 64 -12.72 -12.29 11.99
N GLY A 65 -11.72 -11.42 11.92
CA GLY A 65 -10.43 -11.73 11.29
C GLY A 65 -10.56 -11.72 9.79
N GLY A 66 -11.60 -11.04 9.35
CA GLY A 66 -11.80 -10.79 7.89
C GLY A 66 -12.84 -11.65 7.22
N LYS A 67 -13.47 -12.50 8.01
CA LYS A 67 -14.52 -13.39 7.48
C LYS A 67 -15.74 -12.63 7.01
N THR A 68 -16.16 -11.69 7.83
CA THR A 68 -17.33 -10.84 7.48
C THR A 68 -16.99 -9.37 7.72
N TRP A 69 -17.62 -8.52 6.92
CA TRP A 69 -17.30 -7.09 6.90
C TRP A 69 -18.56 -6.25 6.90
N LYS A 70 -18.44 -5.06 7.44
CA LYS A 70 -19.51 -4.10 7.38
C LYS A 70 -18.96 -2.71 7.22
N GLU A 71 -19.58 -1.91 6.35
CA GLU A 71 -19.20 -0.48 6.22
C GLU A 71 -19.60 0.30 7.45
N ILE A 72 -18.68 1.03 8.04
CA ILE A 72 -18.99 1.79 9.25
C ILE A 72 -18.87 3.29 9.10
N SER A 73 -18.21 3.70 8.04
CA SER A 73 -18.00 5.13 7.77
C SER A 73 -17.41 5.38 6.39
N LYS A 74 -17.33 6.66 6.09
CA LYS A 74 -16.65 7.18 4.91
C LYS A 74 -15.70 8.32 5.26
N VAL A 75 -14.53 8.30 4.64
CA VAL A 75 -13.61 9.42 4.78
C VAL A 75 -13.89 10.34 3.61
N LYS A 76 -14.38 11.52 3.94
CA LYS A 76 -14.78 12.48 2.93
C LYS A 76 -13.85 13.69 2.94
N ASP A 77 -13.72 14.28 1.77
CA ASP A 77 -12.95 15.52 1.56
C ASP A 77 -13.74 16.68 2.06
N THR A 78 -13.31 17.19 3.20
CA THR A 78 -13.99 18.28 3.86
C THR A 78 -13.32 19.64 3.59
N GLN A 79 -12.32 19.62 2.71
CA GLN A 79 -11.41 20.78 2.56
C GLN A 79 -11.46 21.42 1.18
N ASN A 80 -11.56 20.61 0.16
CA ASN A 80 -11.25 21.09 -1.22
C ASN A 80 -12.41 21.19 -2.22
N ASN A 81 -13.48 20.54 -1.87
CA ASN A 81 -14.63 20.33 -2.78
C ASN A 81 -14.21 19.53 -3.99
N TRP A 82 -13.32 18.56 -3.73
CA TRP A 82 -12.81 17.66 -4.80
C TRP A 82 -13.24 16.22 -4.69
N GLY A 83 -13.06 15.71 -3.48
CA GLY A 83 -13.19 14.27 -3.19
C GLY A 83 -11.84 13.68 -2.75
N LEU A 84 -11.91 12.53 -2.11
CA LEU A 84 -10.73 11.72 -1.83
C LEU A 84 -10.75 10.59 -2.80
N ARG A 85 -9.81 10.65 -3.74
CA ARG A 85 -9.99 9.93 -5.00
C ARG A 85 -9.02 8.76 -5.28
N TYR A 86 -7.74 8.95 -5.02
CA TYR A 86 -6.72 7.92 -5.36
C TYR A 86 -5.90 7.51 -4.13
N GLN A 87 -5.47 6.28 -4.14
CA GLN A 87 -4.32 5.82 -3.39
C GLN A 87 -4.42 5.99 -1.87
N PRO A 88 -5.53 5.57 -1.29
CA PRO A 88 -5.70 5.59 0.18
C PRO A 88 -4.69 4.70 0.87
N GLN A 89 -4.45 4.98 2.12
CA GLN A 89 -3.54 4.18 2.93
C GLN A 89 -3.91 4.33 4.38
N LEU A 90 -4.11 3.23 5.04
CA LEU A 90 -4.52 3.26 6.45
C LEU A 90 -3.33 2.90 7.36
N TYR A 91 -3.26 3.55 8.50
CA TYR A 91 -2.11 3.40 9.41
C TYR A 91 -2.51 3.69 10.86
N GLU A 92 -2.12 2.84 11.78
CA GLU A 92 -2.41 3.11 13.22
C GLU A 92 -1.17 3.65 13.97
N LEU A 93 -1.33 4.79 14.62
CA LEU A 93 -0.18 5.40 15.31
C LEU A 93 0.28 4.49 16.44
N PRO A 94 1.59 4.15 16.46
CA PRO A 94 2.16 3.28 17.51
C PRO A 94 2.64 4.12 18.70
N ARG A 95 2.64 5.42 18.48
CA ARG A 95 2.93 6.42 19.51
C ARG A 95 2.23 7.71 19.21
N ALA A 96 2.41 8.68 20.11
CA ALA A 96 1.75 9.97 19.98
C ALA A 96 2.52 10.86 19.06
N PHE A 97 1.81 11.59 18.20
CA PHE A 97 2.41 12.72 17.47
C PHE A 97 1.52 13.95 17.68
N GLY A 98 2.11 14.91 18.37
CA GLY A 98 1.41 16.15 18.74
C GLY A 98 0.16 15.80 19.52
N LYS A 99 -0.94 16.33 19.06
CA LYS A 99 -2.23 16.12 19.77
C LYS A 99 -3.00 14.84 19.38
N TYR A 100 -2.35 14.03 18.57
CA TYR A 100 -2.89 12.70 18.17
C TYR A 100 -2.24 11.54 18.95
N PRO A 101 -3.02 10.89 19.83
CA PRO A 101 -2.43 9.82 20.65
C PRO A 101 -2.20 8.52 19.91
N LYS A 102 -1.44 7.69 20.58
CA LYS A 102 -1.26 6.30 20.16
CA LYS A 102 -1.28 6.30 20.16
C LYS A 102 -2.67 5.68 19.95
N GLY A 103 -2.83 4.96 18.88
CA GLY A 103 -4.09 4.29 18.66
C GLY A 103 -4.98 5.04 17.70
N THR A 104 -4.58 6.27 17.43
CA THR A 104 -5.27 7.09 16.41
C THR A 104 -5.09 6.40 15.06
N VAL A 105 -6.15 6.35 14.28
CA VAL A 105 -6.08 5.77 12.92
C VAL A 105 -5.96 6.92 11.93
N LEU A 106 -4.92 6.80 11.09
CA LEU A 106 -4.71 7.71 9.97
C LEU A 106 -5.13 7.09 8.67
N CYS A 107 -5.75 7.94 7.90
CA CYS A 107 -6.04 7.64 6.49
C CYS A 107 -5.43 8.72 5.64
N SER A 108 -4.52 8.29 4.82
CA SER A 108 -3.88 9.17 3.83
C SER A 108 -4.31 8.80 2.44
N GLY A 109 -4.23 9.76 1.56
CA GLY A 109 -4.57 9.53 0.16
C GLY A 109 -4.60 10.83 -0.60
N SER A 110 -5.04 10.76 -1.85
CA SER A 110 -4.98 11.92 -2.72
C SER A 110 -6.36 12.47 -3.05
N SER A 111 -6.51 13.72 -2.67
CA SER A 111 -7.64 14.57 -3.08
C SER A 111 -7.39 15.18 -4.47
N ILE A 112 -8.37 14.96 -5.34
CA ILE A 112 -8.27 15.22 -6.82
C ILE A 112 -9.64 15.66 -7.38
N PRO A 113 -9.69 16.79 -8.09
CA PRO A 113 -10.93 17.15 -8.80
C PRO A 113 -11.24 16.14 -9.87
N SER A 114 -12.50 16.07 -10.21
CA SER A 114 -12.98 15.03 -11.16
C SER A 114 -12.26 15.10 -12.49
N ASP A 115 -11.88 16.31 -12.83
CA ASP A 115 -11.12 16.57 -14.08
C ASP A 115 -9.64 16.21 -14.01
N LEU A 116 -9.24 15.69 -12.87
CA LEU A 116 -7.85 15.24 -12.61
C LEU A 116 -6.79 16.26 -12.72
N SER A 117 -7.19 17.50 -12.56
CA SER A 117 -6.32 18.65 -12.86
C SER A 117 -5.27 18.95 -11.81
N GLU A 118 -5.52 18.49 -10.60
CA GLU A 118 -4.57 18.62 -9.49
C GLU A 118 -4.53 17.37 -8.62
N THR A 119 -3.51 17.35 -7.80
CA THR A 119 -3.25 16.24 -6.84
C THR A 119 -2.92 16.78 -5.47
N LEU A 120 -3.45 16.16 -4.43
CA LEU A 120 -3.14 16.64 -3.07
C LEU A 120 -3.23 15.54 -2.03
N ILE A 121 -2.05 15.16 -1.53
CA ILE A 121 -1.92 14.14 -0.47
C ILE A 121 -2.28 14.78 0.85
N GLU A 122 -3.32 14.23 1.41
CA GLU A 122 -3.88 14.59 2.71
C GLU A 122 -3.62 13.53 3.76
N VAL A 123 -3.81 13.97 4.99
CA VAL A 123 -3.96 13.11 6.15
C VAL A 123 -5.25 13.44 6.91
N TYR A 124 -6.03 12.37 7.13
CA TYR A 124 -7.21 12.36 7.99
C TYR A 124 -7.00 11.42 9.16
N ALA A 125 -7.72 11.68 10.27
CA ALA A 125 -7.55 10.87 11.48
C ALA A 125 -8.87 10.55 12.13
N SER A 126 -8.91 9.35 12.70
CA SER A 126 -10.05 8.85 13.47
C SER A 126 -9.61 8.54 14.86
N ARG A 127 -10.33 9.12 15.79
CA ARG A 127 -10.05 8.90 17.21
C ARG A 127 -10.94 7.87 17.87
N ASP A 128 -11.77 7.22 17.06
CA ASP A 128 -12.70 6.20 17.57
C ASP A 128 -12.65 4.93 16.77
N LYS A 129 -11.44 4.60 16.33
CA LYS A 129 -11.15 3.33 15.69
C LYS A 129 -11.97 3.15 14.41
N GLY A 130 -12.26 4.28 13.79
CA GLY A 130 -12.61 4.31 12.37
C GLY A 130 -14.04 4.68 12.06
N TYR A 131 -14.73 5.16 13.09
CA TYR A 131 -16.16 5.51 12.97
C TYR A 131 -16.36 6.95 12.51
N THR A 132 -15.49 7.80 13.00
CA THR A 132 -15.50 9.21 12.58
C THR A 132 -14.12 9.69 12.20
N TRP A 133 -14.08 10.80 11.45
CA TRP A 133 -12.85 11.29 10.83
C TRP A 133 -12.74 12.82 10.90
N GLU A 134 -11.51 13.27 11.02
CA GLU A 134 -11.20 14.70 10.95
C GLU A 134 -10.00 14.98 10.06
N PHE A 135 -10.09 16.08 9.32
CA PHE A 135 -8.96 16.52 8.48
C PHE A 135 -7.82 16.88 9.41
N VAL A 136 -6.64 16.40 9.06
CA VAL A 136 -5.43 16.74 9.82
C VAL A 136 -4.53 17.76 9.13
N SER A 137 -4.02 17.40 7.97
CA SER A 137 -3.13 18.28 7.24
C SER A 137 -2.98 17.95 5.77
N HIS A 138 -2.61 19.00 5.05
CA HIS A 138 -2.25 18.91 3.62
C HIS A 138 -0.76 18.68 3.57
N VAL A 139 -0.34 17.61 2.94
CA VAL A 139 1.08 17.24 2.90
C VAL A 139 1.77 17.72 1.62
N ALA A 140 1.19 17.39 0.48
CA ALA A 140 1.83 17.67 -0.85
C ALA A 140 0.83 17.93 -1.94
N LEU A 141 0.92 19.12 -2.50
CA LEU A 141 0.05 19.58 -3.58
C LEU A 141 0.84 19.45 -4.87
N GLY A 142 0.23 18.81 -5.84
CA GLY A 142 0.87 18.60 -7.15
C GLY A 142 -0.11 18.90 -8.26
N GLY A 143 0.31 18.63 -9.48
CA GLY A 143 -0.48 18.92 -10.67
C GLY A 143 -1.25 17.74 -11.22
N GLU A 144 -1.35 17.71 -12.54
CA GLU A 144 -2.33 16.87 -13.23
C GLU A 144 -2.11 15.38 -13.02
N ALA A 145 -3.19 14.69 -12.65
CA ALA A 145 -3.15 13.29 -12.26
C ALA A 145 -3.11 12.31 -13.44
N LEU A 146 -2.12 12.53 -14.29
CA LEU A 146 -1.74 11.55 -15.30
C LEU A 146 -0.25 11.21 -15.17
N PRO A 147 0.08 9.93 -15.30
CA PRO A 147 1.47 9.48 -15.20
C PRO A 147 2.27 9.75 -16.46
N ASN A 148 2.20 10.99 -16.93
CA ASN A 148 2.95 11.39 -18.13
C ASN A 148 4.15 12.25 -17.81
N PRO A 149 5.24 12.05 -18.54
CA PRO A 149 6.47 12.82 -18.38
C PRO A 149 6.19 14.28 -18.56
N GLY A 150 6.61 15.09 -17.59
CA GLY A 150 6.51 16.54 -17.70
C GLY A 150 5.45 17.16 -16.83
N LEU A 151 4.46 16.35 -16.50
CA LEU A 151 3.43 16.77 -15.52
C LEU A 151 4.01 16.67 -14.10
N THR A 152 3.24 17.15 -13.15
CA THR A 152 3.75 17.43 -11.81
C THR A 152 2.89 16.88 -10.70
N PRO A 153 2.27 15.72 -10.92
CA PRO A 153 1.44 15.09 -9.88
C PRO A 153 2.25 14.46 -8.76
N VAL A 154 1.61 14.35 -7.62
CA VAL A 154 2.09 13.51 -6.49
C VAL A 154 1.20 12.30 -6.34
N TRP A 155 1.75 11.22 -5.80
CA TRP A 155 0.98 9.97 -5.71
C TRP A 155 1.39 9.08 -4.56
N GLU A 156 0.49 8.20 -4.15
CA GLU A 156 0.89 6.93 -3.51
C GLU A 156 1.57 7.03 -2.13
N PRO A 157 0.88 7.66 -1.18
CA PRO A 157 1.38 7.79 0.20
C PRO A 157 1.49 6.47 0.93
N PHE A 158 2.57 6.35 1.70
CA PHE A 158 2.76 5.23 2.64
C PHE A 158 3.35 5.79 3.93
N LEU A 159 2.78 5.44 5.06
CA LEU A 159 3.24 5.97 6.34
C LEU A 159 3.99 4.94 7.21
N MET A 160 4.99 5.44 7.91
CA MET A 160 5.71 4.59 8.86
C MET A 160 6.40 5.46 9.90
N THR A 161 6.43 4.99 11.13
CA THR A 161 7.10 5.68 12.24
C THR A 161 8.55 5.27 12.35
N TYR A 162 9.40 6.25 12.57
CA TYR A 162 10.82 5.97 12.85
C TYR A 162 11.25 6.84 14.02
N LYS A 163 11.48 6.20 15.15
CA LYS A 163 11.85 6.91 16.38
C LYS A 163 10.79 7.92 16.73
N GLU A 164 11.20 9.18 16.78
CA GLU A 164 10.26 10.27 17.10
C GLU A 164 9.53 10.87 15.90
N LYS A 165 9.79 10.31 14.74
CA LYS A 165 9.28 10.85 13.49
C LYS A 165 8.21 9.96 12.86
N LEU A 166 7.27 10.61 12.17
CA LEU A 166 6.34 9.91 11.30
C LEU A 166 6.78 10.27 9.89
N ILE A 167 7.04 9.26 9.09
CA ILE A 167 7.52 9.44 7.72
C ILE A 167 6.42 9.10 6.77
N LEU A 168 6.18 10.00 5.84
CA LEU A 168 5.28 9.74 4.73
C LEU A 168 6.05 9.66 3.42
N TYR A 169 6.08 8.45 2.88
CA TYR A 169 6.69 8.18 1.59
C TYR A 169 5.73 8.30 0.44
N TYR A 170 6.24 8.79 -0.69
CA TYR A 170 5.41 8.87 -1.87
C TYR A 170 6.15 8.99 -3.19
N SER A 171 5.35 9.10 -4.25
CA SER A 171 5.83 9.34 -5.62
C SER A 171 5.55 10.79 -5.99
N ASP A 172 6.56 11.44 -6.57
CA ASP A 172 6.53 12.90 -6.79
C ASP A 172 7.11 13.33 -8.14
N GLN A 173 6.28 14.00 -8.93
CA GLN A 173 6.60 14.45 -10.30
C GLN A 173 6.93 15.94 -10.38
N ARG A 174 6.90 16.58 -9.21
CA ARG A 174 7.05 18.07 -9.16
C ARG A 174 8.44 18.60 -9.50
N ASP A 175 9.43 17.91 -9.00
CA ASP A 175 10.83 18.35 -9.15
C ASP A 175 11.38 17.63 -10.35
N ASN A 176 11.05 18.15 -11.51
CA ASN A 176 11.24 17.42 -12.74
C ASN A 176 12.22 18.01 -13.77
N ALA A 177 13.19 18.76 -13.29
CA ALA A 177 14.26 19.30 -14.16
C ALA A 177 15.07 18.21 -14.76
N THR A 178 15.18 17.10 -14.02
CA THR A 178 16.12 16.05 -14.38
C THR A 178 15.45 14.68 -14.55
N HIS A 179 14.51 14.44 -13.64
CA HIS A 179 13.77 13.17 -13.54
C HIS A 179 12.26 13.42 -13.68
N SER A 180 11.53 12.59 -14.41
CA SER A 180 10.09 12.85 -14.57
C SER A 180 9.31 12.50 -13.32
N GLN A 181 9.88 11.58 -12.57
CA GLN A 181 9.31 11.13 -11.27
C GLN A 181 10.41 10.59 -10.37
N LYS A 182 10.32 10.97 -9.10
CA LYS A 182 11.21 10.51 -8.05
C LYS A 182 10.41 9.95 -6.89
N LEU A 183 11.04 9.09 -6.12
CA LEU A 183 10.49 8.61 -4.86
C LEU A 183 11.06 9.50 -3.76
N VAL A 184 10.18 9.99 -2.92
CA VAL A 184 10.51 11.00 -1.93
C VAL A 184 9.77 10.82 -0.64
N HIS A 185 10.22 11.52 0.36
CA HIS A 185 9.47 11.52 1.64
C HIS A 185 9.56 12.83 2.37
N GLN A 186 8.64 12.95 3.30
CA GLN A 186 8.61 14.04 4.31
C GLN A 186 8.32 13.43 5.69
N THR A 187 8.84 14.12 6.67
CA THR A 187 8.69 13.79 8.10
C THR A 187 7.96 14.88 8.87
N THR A 188 7.42 14.43 9.97
CA THR A 188 6.71 15.28 10.94
C THR A 188 6.83 14.68 12.33
N THR A 189 6.76 15.53 13.33
CA THR A 189 6.72 15.06 14.72
C THR A 189 5.42 15.43 15.38
N ASP A 190 4.59 16.18 14.63
CA ASP A 190 3.30 16.66 15.18
C ASP A 190 2.08 16.61 14.27
N LEU A 191 2.35 16.08 13.11
CA LEU A 191 1.33 15.81 12.10
C LEU A 191 0.75 17.10 11.54
N LYS A 192 1.42 18.20 11.84
CA LYS A 192 1.03 19.53 11.32
C LYS A 192 2.07 20.24 10.44
N LYS A 193 3.27 20.35 10.97
CA LYS A 193 4.47 20.83 10.23
C LYS A 193 5.22 19.67 9.63
N TRP A 194 5.37 19.73 8.32
CA TRP A 194 6.18 18.74 7.54
C TRP A 194 7.54 19.27 7.10
N SER A 195 8.50 18.37 7.06
CA SER A 195 9.87 18.72 6.65
C SER A 195 9.91 19.10 5.17
N LYS A 196 11.09 19.49 4.75
CA LYS A 196 11.44 19.59 3.31
C LYS A 196 11.31 18.20 2.74
N VAL A 197 10.99 18.12 1.47
CA VAL A 197 10.97 16.85 0.76
C VAL A 197 12.38 16.27 0.59
N VAL A 198 12.51 15.00 0.92
CA VAL A 198 13.78 14.28 0.78
C VAL A 198 13.68 13.17 -0.24
N ASP A 199 14.64 13.11 -1.14
CA ASP A 199 14.69 12.06 -2.16
C ASP A 199 15.07 10.70 -1.58
N ASP A 200 14.29 9.69 -1.97
CA ASP A 200 14.52 8.31 -1.54
C ASP A 200 15.14 7.45 -2.64
N THR A 201 14.72 7.72 -3.86
CA THR A 201 15.15 6.96 -5.02
C THR A 201 14.88 7.70 -6.31
N LYS A 202 15.90 7.71 -7.16
CA LYS A 202 15.82 8.41 -8.47
C LYS A 202 16.78 7.78 -9.46
N TYR A 203 16.40 7.84 -10.72
CA TYR A 203 17.10 7.14 -11.79
C TYR A 203 17.45 8.08 -12.95
N ALA A 204 18.71 7.97 -13.39
CA ALA A 204 19.26 8.90 -14.37
C ALA A 204 18.77 8.64 -15.79
N ASP A 205 17.47 8.54 -15.90
CA ASP A 205 16.77 8.59 -17.20
C ASP A 205 15.47 9.32 -17.02
N TYR A 206 15.27 10.36 -17.82
CA TYR A 206 14.07 11.23 -17.64
C TYR A 206 12.78 10.41 -17.51
N TYR A 207 12.70 9.40 -18.33
CA TYR A 207 11.47 8.63 -18.52
C TYR A 207 11.29 7.50 -17.53
N ALA A 208 12.29 7.31 -16.68
CA ALA A 208 12.15 6.37 -15.56
C ALA A 208 11.08 6.88 -14.58
N ARG A 209 10.35 5.94 -14.03
CA ARG A 209 9.22 6.19 -13.12
C ARG A 209 9.27 5.21 -11.94
N PRO A 210 10.28 5.37 -11.08
CA PRO A 210 10.25 4.69 -9.81
C PRO A 210 9.05 5.18 -9.06
N GLY A 211 8.38 4.23 -8.41
CA GLY A 211 7.10 4.49 -7.77
C GLY A 211 6.59 3.45 -6.82
N MET A 212 5.56 3.86 -6.12
CA MET A 212 4.72 3.00 -5.26
C MET A 212 5.52 2.39 -4.11
N PRO A 213 5.97 3.25 -3.20
CA PRO A 213 6.78 2.80 -2.08
C PRO A 213 6.02 2.13 -0.96
N THR A 214 6.60 1.04 -0.51
CA THR A 214 6.19 0.46 0.79
C THR A 214 7.46 -0.01 1.53
N VAL A 215 7.35 -0.08 2.86
CA VAL A 215 8.48 -0.32 3.74
C VAL A 215 8.12 -1.29 4.84
N ALA A 216 9.11 -2.07 5.26
CA ALA A 216 8.96 -2.94 6.44
C ALA A 216 10.26 -3.01 7.22
N LYS A 217 10.09 -3.20 8.52
CA LYS A 217 11.23 -3.30 9.48
C LYS A 217 11.66 -4.75 9.66
N LEU A 218 12.96 -4.96 9.56
CA LEU A 218 13.55 -6.27 9.74
C LEU A 218 14.15 -6.44 11.14
N PRO A 219 14.36 -7.69 11.58
CA PRO A 219 14.78 -8.00 12.96
C PRO A 219 16.23 -7.66 13.24
N ASN A 220 16.95 -7.38 12.19
CA ASN A 220 18.36 -6.88 12.30
C ASN A 220 18.42 -5.34 12.33
N ASN A 221 17.28 -4.75 12.55
CA ASN A 221 17.16 -3.30 12.65
C ASN A 221 17.40 -2.57 11.36
N GLU A 222 17.38 -3.33 10.28
CA GLU A 222 17.33 -2.75 8.93
C GLU A 222 15.87 -2.61 8.48
N TYR A 223 15.69 -1.77 7.47
CA TYR A 223 14.42 -1.66 6.82
C TYR A 223 14.60 -2.01 5.36
N ILE A 224 13.55 -2.63 4.83
CA ILE A 224 13.41 -2.95 3.41
C ILE A 224 12.42 -1.99 2.77
N TYR A 225 12.89 -1.38 1.69
CA TYR A 225 12.17 -0.41 0.89
C TYR A 225 11.91 -1.01 -0.48
N VAL A 226 10.65 -1.12 -0.80
CA VAL A 226 10.16 -1.83 -2.00
C VAL A 226 9.37 -0.87 -2.88
N TYR A 227 9.61 -1.00 -4.18
CA TYR A 227 8.98 -0.16 -5.16
C TYR A 227 9.03 -0.78 -6.52
N GLU A 228 8.30 -0.16 -7.42
CA GLU A 228 8.36 -0.55 -8.87
C GLU A 228 9.26 0.39 -9.60
N TYR A 229 10.09 -0.17 -10.46
CA TYR A 229 11.06 0.59 -11.21
C TYR A 229 10.61 0.71 -12.66
N GLY A 230 9.74 1.68 -12.91
CA GLY A 230 9.29 1.95 -14.27
C GLY A 230 10.50 2.35 -15.08
N GLY A 231 10.67 1.72 -16.23
CA GLY A 231 11.81 1.96 -17.09
C GLY A 231 13.03 1.14 -16.70
N GLY A 232 12.82 0.23 -15.74
CA GLY A 232 13.87 -0.73 -15.35
C GLY A 232 14.43 -1.52 -16.53
N PRO A 233 15.66 -2.01 -16.41
CA PRO A 233 16.33 -2.71 -17.53
C PRO A 233 15.71 -4.06 -17.86
N ASN A 234 15.86 -4.46 -19.11
CA ASN A 234 15.53 -5.82 -19.55
C ASN A 234 14.05 -6.11 -19.54
N PRO A 235 13.27 -5.21 -20.16
CA PRO A 235 11.89 -5.47 -20.44
C PRO A 235 11.70 -6.73 -21.28
N PRO A 236 10.63 -7.49 -21.01
CA PRO A 236 10.45 -8.79 -21.64
C PRO A 236 10.07 -8.67 -23.09
N ALA A 237 10.35 -9.72 -23.83
CA ALA A 237 9.97 -9.79 -25.26
C ALA A 237 8.62 -9.16 -25.47
N GLY A 238 8.58 -8.18 -26.37
CA GLY A 238 7.34 -7.57 -26.79
C GLY A 238 6.92 -6.40 -25.92
N SER A 239 7.87 -5.91 -25.15
CA SER A 239 7.68 -4.70 -24.34
C SER A 239 8.88 -3.79 -24.41
N ASP A 240 8.62 -2.49 -24.47
CA ASP A 240 9.70 -1.49 -24.48
C ASP A 240 9.87 -0.80 -23.13
N TYR A 241 9.00 -1.17 -22.20
CA TYR A 241 8.92 -0.51 -20.89
C TYR A 241 8.12 -1.31 -19.87
N TRP A 242 8.72 -1.52 -18.71
CA TRP A 242 8.05 -2.30 -17.64
C TRP A 242 8.49 -1.83 -16.27
N PHE A 243 7.90 -2.45 -15.26
CA PHE A 243 7.92 -1.94 -13.91
C PHE A 243 8.39 -3.03 -12.91
N PRO A 244 9.59 -3.56 -13.13
CA PRO A 244 10.09 -4.66 -12.27
C PRO A 244 10.20 -4.23 -10.83
N VAL A 245 10.00 -5.18 -9.93
CA VAL A 245 10.05 -4.89 -8.50
C VAL A 245 11.48 -4.88 -7.99
N TYR A 246 11.85 -3.76 -7.36
CA TYR A 246 13.18 -3.55 -6.82
C TYR A 246 13.07 -3.17 -5.35
N TYR A 247 14.21 -3.23 -4.68
CA TYR A 247 14.28 -2.84 -3.25
C TYR A 247 15.65 -2.44 -2.79
N ARG A 248 15.63 -1.79 -1.62
CA ARG A 248 16.81 -1.28 -0.96
C ARG A 248 16.69 -1.59 0.54
N LEU A 249 17.85 -1.67 1.15
CA LEU A 249 18.02 -1.98 2.56
C LEU A 249 18.81 -0.89 3.26
N SER A 250 18.32 -0.52 4.44
CA SER A 250 18.92 0.58 5.22
C SER A 250 18.55 0.56 6.69
N LYS A 251 19.53 0.88 7.50
CA LYS A 251 19.32 0.97 8.95
C LYS A 251 18.46 2.16 9.26
N ASP A 252 18.69 3.19 8.46
CA ASP A 252 17.97 4.48 8.59
C ASP A 252 17.06 4.64 7.38
N PRO A 253 15.74 4.62 7.61
CA PRO A 253 14.75 4.53 6.54
C PRO A 253 14.51 5.88 5.89
N GLN A 254 15.27 6.85 6.37
CA GLN A 254 15.33 8.21 5.76
C GLN A 254 16.44 8.29 4.74
N LYS A 255 17.18 7.19 4.62
CA LYS A 255 18.44 7.16 3.85
C LYS A 255 18.49 6.07 2.79
N PHE A 256 17.39 5.86 2.09
CA PHE A 256 17.40 4.87 0.99
C PHE A 256 18.15 5.29 -0.29
N LEU A 257 18.37 6.58 -0.44
CA LEU A 257 18.94 7.12 -1.69
C LEU A 257 20.34 6.60 -1.96
N ASN A 258 21.12 6.46 -0.89
CA ASN A 258 22.57 6.15 -0.99
C ASN A 258 22.81 4.65 -0.99
N LYS A 259 21.71 3.90 -1.01
CA LYS A 259 21.77 2.42 -0.93
C LYS A 259 21.65 1.77 -2.31
N ALA A 260 22.36 0.66 -2.43
CA ALA A 260 22.30 -0.19 -3.64
C ALA A 260 20.94 -0.81 -3.85
N HIS A 261 20.47 -0.77 -5.07
CA HIS A 261 19.19 -1.41 -5.42
C HIS A 261 19.33 -2.88 -5.76
N HIS A 262 18.20 -3.54 -5.67
CA HIS A 262 18.11 -4.96 -6.01
C HIS A 262 16.76 -5.32 -6.61
N GLN A 263 16.81 -6.03 -7.73
CA GLN A 263 15.63 -6.60 -8.39
C GLN A 263 15.26 -7.90 -7.68
N ILE A 264 13.98 -8.07 -7.44
CA ILE A 264 13.45 -9.35 -6.95
C ILE A 264 13.34 -10.29 -8.12
N VAL A 265 14.08 -11.36 -7.98
CA VAL A 265 14.00 -12.48 -8.90
C VAL A 265 14.03 -13.76 -8.09
N SER A 266 12.98 -14.57 -8.26
CA SER A 266 12.90 -15.87 -7.53
C SER A 266 13.81 -16.95 -8.12
N ASN A 267 13.97 -17.96 -7.28
CA ASN A 267 14.93 -19.00 -7.53
C ASN A 267 14.70 -19.62 -8.90
N ASP A 268 13.46 -19.60 -9.34
CA ASP A 268 13.09 -20.18 -10.64
C ASP A 268 13.12 -19.18 -11.76
N GLY A 269 13.59 -17.99 -11.42
CA GLY A 269 13.88 -16.97 -12.44
C GLY A 269 12.72 -16.03 -12.71
N THR A 270 11.70 -16.19 -11.89
CA THR A 270 10.47 -15.37 -12.00
C THR A 270 10.77 -13.93 -11.56
N THR A 271 10.30 -13.00 -12.37
CA THR A 271 10.54 -11.56 -12.17
C THR A 271 9.24 -10.79 -11.91
N PRO A 272 8.90 -10.55 -10.65
CA PRO A 272 7.70 -9.79 -10.35
C PRO A 272 7.84 -8.36 -10.78
N ALA A 273 6.71 -7.82 -11.21
CA ALA A 273 6.64 -6.44 -11.67
C ALA A 273 5.32 -5.82 -11.30
N GLY A 274 5.39 -4.53 -11.07
CA GLY A 274 4.23 -3.71 -10.83
C GLY A 274 3.75 -3.64 -9.42
N SER A 275 3.40 -2.42 -9.06
CA SER A 275 2.62 -2.08 -7.86
C SER A 275 2.82 -3.01 -6.67
N PRO A 276 4.03 -3.08 -6.14
CA PRO A 276 4.35 -4.06 -5.11
C PRO A 276 3.91 -3.63 -3.74
N TYR A 277 3.90 -4.59 -2.83
CA TYR A 277 3.57 -4.34 -1.43
C TYR A 277 4.34 -5.29 -0.53
N VAL A 278 5.04 -4.76 0.45
CA VAL A 278 5.86 -5.58 1.38
C VAL A 278 5.42 -5.49 2.83
N VAL A 279 5.47 -6.62 3.51
CA VAL A 279 5.45 -6.70 4.95
C VAL A 279 6.54 -7.64 5.46
N TRP A 280 6.77 -7.59 6.76
CA TRP A 280 7.67 -8.56 7.43
C TRP A 280 6.87 -9.21 8.54
N THR A 281 7.02 -10.51 8.67
CA THR A 281 6.41 -11.25 9.79
C THR A 281 7.48 -12.06 10.53
N PRO A 282 7.29 -12.25 11.84
CA PRO A 282 8.20 -13.06 12.66
C PRO A 282 8.21 -14.52 12.30
N TYR A 283 7.24 -14.94 11.53
CA TYR A 283 7.17 -16.35 11.05
C TYR A 283 8.45 -16.69 10.29
N GLY A 284 8.95 -17.91 10.49
CA GLY A 284 9.97 -18.47 9.65
C GLY A 284 11.34 -18.54 10.25
N GLY A 285 11.38 -18.28 11.53
CA GLY A 285 12.62 -18.38 12.30
C GLY A 285 13.45 -17.12 12.45
N LYS A 286 14.77 -17.31 12.36
CA LYS A 286 15.72 -16.30 12.85
C LYS A 286 15.51 -14.91 12.25
N ASN A 287 15.28 -14.89 10.95
CA ASN A 287 15.16 -13.63 10.20
C ASN A 287 13.74 -13.26 9.86
N GLY A 288 12.81 -13.99 10.46
CA GLY A 288 11.40 -13.96 10.03
C GLY A 288 11.31 -14.16 8.53
N THR A 289 10.24 -13.60 7.97
CA THR A 289 9.95 -13.67 6.56
C THR A 289 9.48 -12.34 6.01
N ILE A 290 10.24 -11.84 5.04
CA ILE A 290 9.78 -10.73 4.17
C ILE A 290 8.87 -11.34 3.12
N VAL A 291 7.68 -10.76 2.99
CA VAL A 291 6.67 -11.17 2.05
C VAL A 291 6.33 -9.98 1.11
N VAL A 292 6.41 -10.26 -0.18
CA VAL A 292 6.08 -9.29 -1.22
C VAL A 292 5.09 -9.82 -2.21
N SER A 293 4.14 -8.95 -2.52
CA SER A 293 3.19 -9.09 -3.63
C SER A 293 3.53 -8.07 -4.71
N CYS A 294 3.24 -8.47 -5.95
CA CYS A 294 3.29 -7.52 -7.07
C CYS A 294 1.95 -7.55 -7.77
N GLY A 295 1.77 -6.64 -8.69
CA GLY A 295 0.46 -6.38 -9.29
C GLY A 295 0.24 -7.10 -10.60
N THR A 296 1.16 -8.01 -10.89
CA THR A 296 1.13 -8.71 -12.21
C THR A 296 1.19 -10.23 -12.06
N ARG A 297 1.31 -10.67 -10.81
CA ARG A 297 1.36 -12.12 -10.52
C ARG A 297 0.53 -12.45 -9.33
N SER A 298 0.19 -13.73 -9.20
CA SER A 298 -0.69 -14.17 -8.11
C SER A 298 0.07 -14.69 -6.92
N GLU A 299 1.34 -15.03 -7.15
CA GLU A 299 2.17 -15.66 -6.11
C GLU A 299 2.59 -14.63 -5.06
N ILE A 300 3.02 -15.14 -3.93
CA ILE A 300 3.80 -14.33 -2.96
C ILE A 300 5.25 -14.65 -3.06
N PHE A 301 6.06 -13.61 -2.84
CA PHE A 301 7.50 -13.71 -2.92
C PHE A 301 8.08 -13.48 -1.54
N THR A 302 8.97 -14.36 -1.16
CA THR A 302 9.40 -14.37 0.20
C THR A 302 10.89 -14.42 0.30
N ASN A 303 11.33 -13.94 1.44
CA ASN A 303 12.80 -13.83 1.75
C ASN A 303 13.09 -13.94 3.24
N GLN A 304 13.72 -15.05 3.58
CA GLN A 304 14.07 -15.41 4.97
C GLN A 304 15.56 -15.21 5.27
N ALA A 305 16.20 -14.39 4.43
CA ALA A 305 17.62 -14.04 4.56
C ALA A 305 17.89 -12.53 4.55
N LEU A 306 17.00 -11.83 5.24
CA LEU A 306 17.04 -10.38 5.37
C LEU A 306 17.31 -9.60 4.11
N GLY A 307 16.80 -10.11 3.00
CA GLY A 307 16.86 -9.42 1.71
C GLY A 307 18.05 -9.75 0.82
N ASP A 308 18.73 -10.84 1.14
CA ASP A 308 19.82 -11.37 0.31
C ASP A 308 19.21 -11.63 -1.05
N ALA A 309 19.76 -11.00 -2.07
CA ALA A 309 19.14 -11.00 -3.41
C ALA A 309 18.99 -12.38 -4.00
N SER A 310 19.70 -13.31 -3.41
CA SER A 310 19.69 -14.65 -3.99
C SER A 310 18.68 -15.57 -3.35
N ALA A 311 17.98 -15.06 -2.34
CA ALA A 311 17.18 -15.92 -1.47
C ALA A 311 15.68 -15.77 -1.62
N TRP A 312 15.26 -15.19 -2.72
CA TRP A 312 13.82 -14.97 -2.93
C TRP A 312 13.16 -16.24 -3.45
N LYS A 313 12.08 -16.59 -2.81
CA LYS A 313 11.26 -17.74 -3.21
C LYS A 313 9.86 -17.27 -3.62
N LYS A 314 9.10 -18.17 -4.23
CA LYS A 314 7.73 -17.87 -4.61
C LYS A 314 6.77 -18.99 -4.35
N TRP A 315 5.58 -18.60 -3.93
CA TRP A 315 4.54 -19.57 -3.46
C TRP A 315 3.18 -19.18 -3.94
N ASP A 316 2.45 -20.18 -4.41
CA ASP A 316 1.06 -19.96 -4.84
C ASP A 316 0.16 -19.67 -3.67
N VAL A 317 -0.79 -18.79 -3.90
CA VAL A 317 -1.90 -18.54 -2.94
C VAL A 317 -3.25 -18.48 -3.71
N PRO A 318 -4.38 -18.50 -3.01
CA PRO A 318 -5.69 -18.56 -3.67
C PRO A 318 -6.29 -17.21 -4.06
N GLN A 319 -5.64 -16.15 -3.63
CA GLN A 319 -6.10 -14.78 -3.95
C GLN A 319 -5.58 -14.34 -5.33
N PRO A 320 -6.46 -13.81 -6.16
CA PRO A 320 -6.07 -13.53 -7.54
C PRO A 320 -5.18 -12.32 -7.68
N THR A 321 -4.50 -12.27 -8.81
CA THR A 321 -3.69 -11.07 -9.17
C THR A 321 -4.56 -9.82 -9.16
N ALA A 322 -4.00 -8.77 -8.57
CA ALA A 322 -4.67 -7.46 -8.43
C ALA A 322 -3.64 -6.34 -8.41
N TYR A 323 -4.03 -5.21 -8.98
CA TYR A 323 -3.21 -3.96 -8.92
C TYR A 323 -2.98 -3.59 -7.46
N THR A 324 -1.73 -3.38 -7.12
CA THR A 324 -1.30 -3.06 -5.76
C THR A 324 -2.04 -3.89 -4.71
N ARG A 325 -2.15 -5.19 -5.02
CA ARG A 325 -2.58 -6.19 -4.04
C ARG A 325 -1.73 -6.05 -2.74
N SER A 326 -2.42 -5.93 -1.63
CA SER A 326 -1.82 -5.60 -0.37
C SER A 326 -1.81 -6.78 0.61
N LEU A 327 -0.96 -6.60 1.61
CA LEU A 327 -0.67 -7.61 2.65
C LEU A 327 -0.78 -7.07 4.06
N LEU A 328 -1.17 -7.97 4.93
CA LEU A 328 -1.25 -7.72 6.37
C LEU A 328 -0.88 -8.99 7.13
N THR A 329 -0.04 -8.81 8.13
CA THR A 329 0.36 -9.85 9.04
C THR A 329 -0.27 -9.63 10.42
N PHE A 330 -0.94 -10.67 10.92
CA PHE A 330 -1.74 -10.60 12.15
C PHE A 330 -0.88 -10.50 13.39
N GLN A 331 -1.21 -9.51 14.20
CA GLN A 331 -0.45 -9.28 15.42
CA GLN A 331 -0.46 -9.26 15.44
C GLN A 331 -0.49 -10.40 16.46
N LYS A 332 -1.59 -11.14 16.52
CA LYS A 332 -1.71 -12.24 17.49
C LYS A 332 -1.22 -13.55 16.90
N ASP A 333 -0.98 -13.53 15.59
CA ASP A 333 -0.58 -14.74 14.86
C ASP A 333 0.22 -14.50 13.58
N PRO A 334 1.54 -14.49 13.72
CA PRO A 334 2.44 -14.22 12.61
C PRO A 334 2.33 -15.17 11.46
N ASP A 335 1.72 -16.31 11.72
CA ASP A 335 1.60 -17.38 10.71
C ASP A 335 0.49 -17.05 9.74
N LEU A 336 -0.28 -16.05 10.12
CA LEU A 336 -1.51 -15.72 9.36
C LEU A 336 -1.27 -14.46 8.54
N LEU A 337 -1.53 -14.60 7.25
CA LEU A 337 -1.32 -13.53 6.28
C LEU A 337 -2.57 -13.25 5.45
N MET A 338 -3.02 -12.02 5.56
CA MET A 338 -4.15 -11.51 4.73
C MET A 338 -3.59 -10.93 3.46
N ILE A 339 -4.33 -11.23 2.41
CA ILE A 339 -4.01 -10.80 1.07
C ILE A 339 -5.26 -10.21 0.49
N MET A 340 -5.16 -8.91 0.18
CA MET A 340 -6.34 -8.09 -0.17
C MET A 340 -6.14 -7.39 -1.50
N GLY A 341 -7.18 -7.46 -2.32
CA GLY A 341 -7.20 -6.79 -3.65
C GLY A 341 -8.55 -6.19 -4.07
N ALA A 342 -8.49 -5.22 -4.98
CA ALA A 342 -9.65 -4.55 -5.58
C ALA A 342 -9.57 -4.59 -7.10
N GLY A 343 -8.96 -5.67 -7.57
CA GLY A 343 -8.96 -5.98 -9.00
C GLY A 343 -7.93 -5.32 -9.86
N ILE A 344 -8.25 -5.21 -11.14
CA ILE A 344 -7.27 -4.82 -12.15
C ILE A 344 -7.43 -3.41 -12.66
N LEU A 345 -6.36 -2.94 -13.27
CA LEU A 345 -6.28 -1.59 -13.87
C LEU A 345 -7.35 -1.41 -14.97
N PRO A 346 -7.82 -0.16 -15.15
CA PRO A 346 -8.72 0.01 -16.27
C PRO A 346 -7.99 -0.17 -17.59
N PRO A 347 -8.68 -0.70 -18.60
CA PRO A 347 -10.07 -1.13 -18.60
C PRO A 347 -10.27 -2.48 -17.96
N ALA A 348 -11.13 -2.48 -16.96
CA ALA A 348 -11.35 -3.66 -16.11
C ALA A 348 -12.58 -4.46 -16.51
N GLY A 349 -13.23 -3.97 -17.54
CA GLY A 349 -14.34 -4.74 -18.14
C GLY A 349 -15.53 -4.91 -17.21
N GLY A 350 -15.55 -4.07 -16.17
CA GLY A 350 -16.73 -3.96 -15.31
C GLY A 350 -16.85 -5.08 -14.29
N LYS A 351 -15.71 -5.65 -13.92
CA LYS A 351 -15.66 -6.94 -13.21
C LYS A 351 -14.91 -6.92 -11.92
N ASN A 352 -14.32 -5.76 -11.62
CA ASN A 352 -13.56 -5.61 -10.34
C ASN A 352 -14.47 -5.74 -9.12
N THR A 353 -13.97 -6.45 -8.12
CA THR A 353 -14.52 -6.43 -6.78
C THR A 353 -13.42 -6.28 -5.74
N VAL A 354 -13.80 -5.92 -4.53
CA VAL A 354 -12.88 -5.92 -3.39
C VAL A 354 -13.01 -7.29 -2.65
N SER A 355 -11.88 -7.94 -2.46
CA SER A 355 -11.85 -9.25 -1.77
C SER A 355 -10.57 -9.49 -1.03
N ALA A 356 -10.62 -10.51 -0.18
CA ALA A 356 -9.44 -10.93 0.58
C ALA A 356 -9.45 -12.44 0.91
N SER A 357 -8.24 -12.93 1.10
CA SER A 357 -8.02 -14.29 1.59
C SER A 357 -7.09 -14.18 2.76
N VAL A 358 -7.20 -15.12 3.68
CA VAL A 358 -6.18 -15.27 4.75
C VAL A 358 -5.64 -16.67 4.67
N VAL A 359 -4.33 -16.72 4.53
CA VAL A 359 -3.54 -17.96 4.42
C VAL A 359 -2.67 -18.16 5.63
N ARG A 360 -2.30 -19.40 5.86
CA ARG A 360 -1.31 -19.73 6.87
C ARG A 360 0.02 -19.98 6.19
N LEU A 361 1.03 -19.24 6.60
CA LEU A 361 2.36 -19.33 5.96
C LEU A 361 2.95 -20.71 6.11
N SER A 362 2.65 -21.32 7.26
CA SER A 362 3.17 -22.68 7.51
C SER A 362 2.61 -23.70 6.57
N GLU A 363 1.47 -23.35 5.98
CA GLU A 363 0.80 -24.15 4.92
C GLU A 363 1.24 -23.77 3.52
N VAL A 364 1.22 -22.47 3.23
CA VAL A 364 1.65 -21.94 1.94
C VAL A 364 3.10 -22.23 1.63
N MET A 365 3.91 -22.03 2.63
CA MET A 365 5.39 -22.14 2.52
C MET A 365 5.98 -23.44 3.04
N LYS A 366 5.12 -24.41 3.24
CA LYS A 366 5.57 -25.75 3.65
C LYS A 366 6.67 -25.69 4.69
N SER A 367 6.31 -25.14 5.85
CA SER A 367 7.27 -24.89 6.93
C SER A 367 8.38 -25.90 6.91
C1 EDO B . 13.00 16.99 -3.43
O1 EDO B . 12.80 16.11 -4.53
C2 EDO B . 14.40 17.57 -3.44
O2 EDO B . 14.37 18.56 -4.47
C1 PGE C . -18.75 8.64 19.26
O1 PGE C . -19.36 7.84 20.29
C2 PGE C . -18.21 7.69 18.20
O2 PGE C . -16.82 7.75 18.48
C3 PGE C . -16.52 7.72 19.87
C4 PGE C . -16.15 9.08 20.46
O4 PGE C . -13.26 12.08 20.95
C6 PGE C . -13.11 11.08 19.92
C5 PGE C . -14.46 10.49 19.56
O3 PGE C . -14.75 9.42 20.50
C1 GOL D . -5.05 4.75 -9.14
O1 GOL D . -4.10 4.75 -8.17
C2 GOL D . -4.41 4.97 -10.51
O2 GOL D . -3.26 5.76 -10.52
C3 GOL D . -4.03 3.62 -11.06
O3 GOL D . -3.24 3.87 -12.16
#